data_8ZG5
#
_entry.id   8ZG5
#
_cell.length_a   51.450
_cell.length_b   114.170
_cell.length_c   180.450
_cell.angle_alpha   90.00
_cell.angle_beta   90.00
_cell.angle_gamma   90.00
#
_symmetry.space_group_name_H-M   'C 2 2 21'
#
loop_
_entity.id
_entity.type
_entity.pdbx_description
1 polymer 'Squalene cyclase C-terminal domain-containing protein'
2 water water
#
_entity_poly.entity_id   1
_entity_poly.type   'polypeptide(L)'
_entity_poly.pdbx_seq_one_letter_code
;HHHHHHMNASPTPTATTTTEPATAVVRCRTRLARRVVAAVGPDGLLPAPCESRVLESALALALLTEERAEADATARLTAY
LRTTLRTAPPDPFQCAVARAVLGGAGERGERVGDEGDMDAGTALDAGLDGFDHFTAGRKRLMFRTVLAALGATGFPAVPW
EAYDTRPQQSWLHMEMKALKVLAAHGTGHPDVVRDEDWRALLPALEPGPAWECNNLAQLLALLALRHSPRHRPALGDVLK
HVAGRLRPDGGMPFIDGMTVFTTAAAGLALSLLPAPPACVTPMADALALRRNPDGGYGFHSGVAQSDVADTCYVLEFLRR
AAPDRHRTAVAEAEGYLLALRNPDGGFPTFARGTSSEIAMTAAAASALAHDPDRREEVDEAVRYVVRHQRPDGTFERSWS
RNATNAVFRAVLALTGVAAHGEERRSRARAAERALAHLAATQNGDGGWGHAEAEPSDPISTAYAVIALARGPRARPGGPL
DRALAYLVERQHPDGGYRSRPDQAGPRPLLIDVPALADVFVLLALAHATATPDPEGCSR
;
_entity_poly.pdbx_strand_id   A
#
# COMPACT_ATOMS: atom_id res chain seq x y z
N ALA A 22 -18.17 16.95 25.33
CA ALA A 22 -17.29 17.85 24.60
C ALA A 22 -17.84 18.08 23.17
N THR A 23 -16.93 18.30 22.22
CA THR A 23 -17.35 18.62 20.86
C THR A 23 -17.81 17.36 20.13
N ALA A 24 -18.61 17.59 19.09
CA ALA A 24 -19.01 16.52 18.19
C ALA A 24 -17.80 15.79 17.61
N VAL A 25 -16.68 16.50 17.45
CA VAL A 25 -15.49 15.87 16.88
C VAL A 25 -14.87 14.92 17.90
N VAL A 26 -14.81 15.34 19.16
CA VAL A 26 -14.26 14.46 20.19
C VAL A 26 -15.14 13.24 20.39
N ARG A 27 -16.46 13.42 20.31
CA ARG A 27 -17.35 12.27 20.48
C ARG A 27 -17.18 11.28 19.33
N CYS A 28 -17.05 11.80 18.11
CA CYS A 28 -16.73 10.97 16.96
C CYS A 28 -15.40 10.23 17.16
N ARG A 29 -14.35 10.95 17.57
CA ARG A 29 -13.06 10.33 17.82
C ARG A 29 -13.16 9.21 18.85
N THR A 30 -13.94 9.45 19.92
CA THR A 30 -14.06 8.47 20.99
C THR A 30 -14.76 7.21 20.50
N ARG A 31 -15.85 7.36 19.74
CA ARG A 31 -16.55 6.19 19.23
C ARG A 31 -15.68 5.41 18.26
N LEU A 32 -14.92 6.12 17.42
CA LEU A 32 -14.01 5.44 16.49
C LEU A 32 -12.89 4.72 17.24
N ALA A 33 -12.31 5.35 18.25
CA ALA A 33 -11.23 4.74 19.00
C ALA A 33 -11.71 3.46 19.71
N ARG A 34 -12.92 3.49 20.28
CA ARG A 34 -13.45 2.26 20.89
C ARG A 34 -13.55 1.14 19.87
N ARG A 35 -13.97 1.50 18.65
CA ARG A 35 -14.12 0.51 17.60
C ARG A 35 -12.77 -0.05 17.17
N VAL A 36 -11.77 0.81 17.01
CA VAL A 36 -10.45 0.33 16.58
C VAL A 36 -9.83 -0.56 17.66
N VAL A 37 -9.92 -0.13 18.93
CA VAL A 37 -9.40 -0.92 20.04
C VAL A 37 -10.07 -2.29 20.07
N ALA A 38 -11.39 -2.31 19.85
CA ALA A 38 -12.11 -3.57 19.88
C ALA A 38 -11.68 -4.48 18.74
N ALA A 39 -11.22 -3.91 17.62
CA ALA A 39 -10.81 -4.73 16.48
C ALA A 39 -9.43 -5.35 16.66
N VAL A 40 -8.60 -4.83 17.54
CA VAL A 40 -7.28 -5.43 17.79
C VAL A 40 -7.48 -6.74 18.54
N GLY A 41 -6.84 -7.80 18.07
CA GLY A 41 -7.01 -9.11 18.69
C GLY A 41 -6.08 -9.31 19.87
N PRO A 42 -6.26 -10.46 20.54
CA PRO A 42 -5.36 -10.79 21.65
C PRO A 42 -3.91 -11.03 21.22
N ASP A 43 -3.66 -11.32 19.95
CA ASP A 43 -2.28 -11.40 19.48
C ASP A 43 -1.65 -10.04 19.17
N GLY A 44 -2.37 -8.94 19.45
CA GLY A 44 -1.82 -7.63 19.16
C GLY A 44 -2.03 -7.13 17.75
N LEU A 45 -2.67 -7.89 16.88
CA LEU A 45 -2.82 -7.47 15.49
C LEU A 45 -4.22 -6.97 15.21
N LEU A 46 -4.31 -5.93 14.38
CA LEU A 46 -5.57 -5.52 13.82
C LEU A 46 -5.68 -6.22 12.47
N PRO A 47 -6.56 -7.20 12.31
CA PRO A 47 -6.64 -7.94 11.04
C PRO A 47 -6.99 -7.02 9.90
N ALA A 48 -6.34 -7.22 8.74
CA ALA A 48 -6.57 -6.33 7.60
C ALA A 48 -6.60 -7.12 6.30
N PRO A 49 -7.61 -8.00 6.14
CA PRO A 49 -7.73 -8.76 4.90
C PRO A 49 -7.96 -7.88 3.68
N CYS A 50 -7.48 -8.35 2.54
CA CYS A 50 -7.69 -7.64 1.28
C CYS A 50 -8.87 -8.30 0.56
N GLU A 51 -9.72 -7.48 -0.04
CA GLU A 51 -10.91 -7.92 -0.77
C GLU A 51 -10.51 -8.63 -2.06
N SER A 52 -11.44 -9.44 -2.59
CA SER A 52 -11.25 -10.04 -3.91
C SER A 52 -11.02 -8.96 -4.95
N ARG A 53 -10.21 -9.27 -5.97
CA ARG A 53 -9.92 -8.33 -7.05
C ARG A 53 -10.14 -9.02 -8.39
N VAL A 54 -10.61 -8.27 -9.38
CA VAL A 54 -10.96 -8.90 -10.64
C VAL A 54 -9.72 -9.51 -11.30
N LEU A 55 -8.59 -8.80 -11.31
CA LEU A 55 -7.41 -9.25 -12.03
C LEU A 55 -6.99 -10.65 -11.57
N GLU A 56 -6.78 -10.80 -10.25
CA GLU A 56 -6.33 -12.10 -9.73
C GLU A 56 -7.41 -13.16 -9.85
N SER A 57 -8.67 -12.77 -9.73
CA SER A 57 -9.75 -13.74 -9.85
C SER A 57 -9.79 -14.27 -11.27
N ALA A 58 -9.53 -13.38 -12.24
CA ALA A 58 -9.51 -13.77 -13.64
C ALA A 58 -8.32 -14.69 -13.94
N LEU A 59 -7.15 -14.35 -13.40
CA LEU A 59 -5.98 -15.20 -13.61
C LEU A 59 -6.18 -16.57 -12.97
N ALA A 60 -6.80 -16.63 -11.78
CA ALA A 60 -7.05 -17.91 -11.12
C ALA A 60 -8.03 -18.75 -11.92
N LEU A 61 -9.05 -18.09 -12.49
CA LEU A 61 -9.98 -18.79 -13.37
C LEU A 61 -9.27 -19.35 -14.59
N ALA A 62 -8.46 -18.52 -15.26
CA ALA A 62 -7.69 -18.97 -16.42
C ALA A 62 -6.83 -20.18 -16.08
N LEU A 63 -6.09 -20.09 -14.98
CA LEU A 63 -5.21 -21.19 -14.57
C LEU A 63 -6.00 -22.46 -14.28
N LEU A 64 -7.02 -22.37 -13.43
CA LEU A 64 -7.71 -23.60 -13.06
C LEU A 64 -8.44 -24.23 -14.24
N THR A 65 -9.00 -23.37 -15.11
CA THR A 65 -9.68 -23.83 -16.32
C THR A 65 -8.71 -24.55 -17.25
N GLU A 66 -7.55 -23.95 -17.53
CA GLU A 66 -6.55 -24.59 -18.40
C GLU A 66 -6.12 -25.95 -17.86
N GLU A 67 -6.04 -26.09 -16.54
CA GLU A 67 -5.61 -27.33 -15.90
C GLU A 67 -6.77 -28.27 -15.61
N ARG A 68 -7.99 -27.88 -15.99
CA ARG A 68 -9.19 -28.68 -15.78
C ARG A 68 -9.29 -29.14 -14.34
N ALA A 69 -9.15 -28.19 -13.42
CA ALA A 69 -9.03 -28.50 -12.00
C ALA A 69 -10.05 -27.69 -11.21
N GLU A 70 -10.44 -28.22 -10.05
CA GLU A 70 -11.20 -27.48 -9.04
C GLU A 70 -12.49 -26.88 -9.61
N ALA A 71 -13.36 -27.78 -10.10
CA ALA A 71 -14.58 -27.34 -10.79
C ALA A 71 -15.43 -26.43 -9.91
N ASP A 72 -15.52 -26.74 -8.63
CA ASP A 72 -16.35 -25.95 -7.73
C ASP A 72 -15.81 -24.52 -7.64
N ALA A 73 -14.49 -24.39 -7.48
CA ALA A 73 -13.84 -23.09 -7.42
C ALA A 73 -13.97 -22.32 -8.74
N THR A 74 -13.85 -23.00 -9.87
CA THR A 74 -13.93 -22.28 -11.15
C THR A 74 -15.32 -21.67 -11.36
N ALA A 75 -16.35 -22.37 -10.92
CA ALA A 75 -17.71 -21.84 -11.09
C ALA A 75 -17.95 -20.68 -10.15
N ARG A 76 -17.39 -20.73 -8.95
CA ARG A 76 -17.51 -19.60 -8.04
C ARG A 76 -16.76 -18.39 -8.57
N LEU A 77 -15.54 -18.60 -9.09
CA LEU A 77 -14.81 -17.52 -9.72
C LEU A 77 -15.59 -16.93 -10.88
N THR A 78 -16.18 -17.79 -11.72
CA THR A 78 -16.91 -17.27 -12.87
C THR A 78 -18.09 -16.40 -12.43
N ALA A 79 -18.82 -16.85 -11.41
CA ALA A 79 -19.95 -16.07 -10.91
C ALA A 79 -19.49 -14.77 -10.27
N TYR A 80 -18.36 -14.79 -9.56
CA TYR A 80 -17.83 -13.57 -8.97
C TYR A 80 -17.53 -12.53 -10.05
N LEU A 81 -16.83 -12.95 -11.11
CA LEU A 81 -16.45 -12.02 -12.17
C LEU A 81 -17.69 -11.43 -12.86
N ARG A 82 -18.70 -12.25 -13.11
CA ARG A 82 -19.88 -11.72 -13.82
C ARG A 82 -20.65 -10.74 -12.94
N THR A 83 -20.84 -11.09 -11.68
CA THR A 83 -21.47 -10.18 -10.72
C THR A 83 -20.70 -8.86 -10.64
N THR A 84 -19.37 -8.95 -10.47
CA THR A 84 -18.59 -7.74 -10.26
C THR A 84 -18.59 -6.84 -11.49
N LEU A 85 -18.45 -7.43 -12.70
CA LEU A 85 -18.54 -6.62 -13.91
C LEU A 85 -19.87 -5.88 -13.99
N ARG A 86 -20.94 -6.51 -13.52
CA ARG A 86 -22.28 -5.96 -13.67
C ARG A 86 -22.60 -4.89 -12.63
N THR A 87 -22.10 -5.05 -11.40
CA THR A 87 -22.47 -4.20 -10.27
C THR A 87 -21.39 -3.23 -9.81
N ALA A 88 -20.11 -3.61 -9.86
CA ALA A 88 -19.02 -2.75 -9.40
C ALA A 88 -17.81 -2.93 -10.28
N PRO A 89 -17.91 -2.54 -11.56
CA PRO A 89 -16.81 -2.80 -12.49
C PRO A 89 -15.57 -2.03 -12.11
N PRO A 90 -14.38 -2.67 -12.16
CA PRO A 90 -13.15 -1.96 -11.81
C PRO A 90 -12.65 -1.15 -12.99
N ASP A 91 -11.36 -0.78 -12.94
CA ASP A 91 -10.78 0.03 -14.00
C ASP A 91 -10.80 -0.71 -15.34
N PRO A 92 -10.67 0.02 -16.45
CA PRO A 92 -10.80 -0.64 -17.76
C PRO A 92 -9.83 -1.79 -18.02
N PHE A 93 -8.59 -1.73 -17.47
CA PHE A 93 -7.65 -2.82 -17.71
C PHE A 93 -8.14 -4.12 -17.09
N GLN A 94 -8.56 -4.08 -15.81
CA GLN A 94 -9.09 -5.27 -15.18
C GLN A 94 -10.38 -5.74 -15.86
N CYS A 95 -11.20 -4.80 -16.31
CA CYS A 95 -12.39 -5.19 -17.09
C CYS A 95 -12.01 -5.97 -18.34
N ALA A 96 -11.02 -5.48 -19.08
CA ALA A 96 -10.59 -6.17 -20.29
C ALA A 96 -10.04 -7.56 -19.96
N VAL A 97 -9.35 -7.69 -18.82
CA VAL A 97 -8.81 -8.99 -18.40
C VAL A 97 -9.95 -9.96 -18.11
N ALA A 98 -10.96 -9.49 -17.38
CA ALA A 98 -12.10 -10.35 -17.06
C ALA A 98 -12.82 -10.81 -18.32
N ARG A 99 -13.02 -9.87 -19.26
CA ARG A 99 -13.72 -10.21 -20.50
C ARG A 99 -12.90 -11.22 -21.31
N ALA A 100 -11.57 -11.09 -21.28
CA ALA A 100 -10.72 -12.06 -21.97
C ALA A 100 -10.94 -13.47 -21.45
N VAL A 101 -10.93 -13.64 -20.13
CA VAL A 101 -11.06 -14.98 -19.56
C VAL A 101 -12.48 -15.50 -19.67
N LEU A 102 -13.48 -14.62 -19.58
CA LEU A 102 -14.87 -15.07 -19.58
C LEU A 102 -15.30 -15.56 -20.96
N GLY A 103 -14.81 -14.92 -22.02
CA GLY A 103 -15.14 -15.31 -23.38
C GLY A 103 -13.92 -15.63 -24.22
N ARG A 138 7.48 -0.16 -18.98
CA ARG A 138 7.65 -1.28 -18.04
C ARG A 138 6.33 -1.74 -17.45
N LYS A 139 5.59 -0.82 -16.80
CA LYS A 139 4.22 -1.12 -16.42
C LYS A 139 3.35 -1.34 -17.66
N ARG A 140 3.58 -0.56 -18.70
CA ARG A 140 2.85 -0.77 -19.93
C ARG A 140 3.18 -2.13 -20.53
N LEU A 141 4.45 -2.53 -20.46
CA LEU A 141 4.86 -3.82 -20.98
C LEU A 141 4.23 -4.96 -20.17
N MET A 142 4.29 -4.86 -18.84
CA MET A 142 3.64 -5.84 -17.98
C MET A 142 2.16 -6.00 -18.31
N PHE A 143 1.39 -4.91 -18.25
CA PHE A 143 -0.04 -5.03 -18.47
C PHE A 143 -0.36 -5.51 -19.87
N ARG A 144 0.36 -5.03 -20.88
CA ARG A 144 0.13 -5.50 -22.23
C ARG A 144 0.38 -7.01 -22.33
N THR A 145 1.46 -7.50 -21.73
CA THR A 145 1.73 -8.93 -21.84
C THR A 145 0.70 -9.76 -21.08
N VAL A 146 0.16 -9.26 -19.96
CA VAL A 146 -0.93 -9.98 -19.29
C VAL A 146 -2.11 -10.15 -20.25
N LEU A 147 -2.54 -9.07 -20.91
CA LEU A 147 -3.68 -9.19 -21.82
C LEU A 147 -3.34 -10.11 -22.98
N ALA A 148 -2.12 -10.02 -23.49
CA ALA A 148 -1.72 -10.91 -24.59
C ALA A 148 -1.71 -12.37 -24.16
N ALA A 149 -1.21 -12.67 -22.96
CA ALA A 149 -1.25 -14.06 -22.48
C ALA A 149 -2.67 -14.59 -22.42
N LEU A 150 -3.65 -13.72 -22.19
CA LEU A 150 -5.05 -14.13 -22.11
C LEU A 150 -5.75 -14.06 -23.46
N GLY A 151 -5.02 -13.76 -24.52
CA GLY A 151 -5.56 -13.73 -25.86
C GLY A 151 -6.22 -12.43 -26.27
N ALA A 152 -6.07 -11.36 -25.50
CA ALA A 152 -6.85 -10.14 -25.74
C ALA A 152 -6.15 -9.13 -26.65
N THR A 153 -4.86 -9.27 -26.89
CA THR A 153 -4.09 -8.37 -27.73
C THR A 153 -2.84 -9.11 -28.17
N GLY A 154 -2.06 -8.48 -29.03
CA GLY A 154 -0.83 -9.09 -29.48
C GLY A 154 0.27 -8.96 -28.43
N PHE A 155 1.19 -9.93 -28.44
CA PHE A 155 2.34 -9.80 -27.56
C PHE A 155 3.21 -8.64 -28.04
N PRO A 156 3.73 -7.83 -27.11
CA PRO A 156 4.65 -6.75 -27.49
C PRO A 156 5.83 -7.25 -28.30
N ALA A 157 6.10 -6.55 -29.40
CA ALA A 157 7.25 -6.89 -30.25
C ALA A 157 8.51 -6.20 -29.72
N VAL A 158 9.00 -6.73 -28.61
CA VAL A 158 10.14 -6.12 -27.91
C VAL A 158 11.28 -7.11 -27.81
N PRO A 159 12.52 -6.66 -27.74
CA PRO A 159 13.61 -7.60 -27.40
C PRO A 159 13.30 -8.28 -26.08
N TRP A 160 13.76 -9.55 -25.94
CA TRP A 160 13.42 -10.31 -24.74
C TRP A 160 13.97 -9.66 -23.48
N GLU A 161 15.06 -8.91 -23.61
CA GLU A 161 15.68 -8.21 -22.48
C GLU A 161 14.76 -7.16 -21.88
N ALA A 162 13.71 -6.78 -22.59
CA ALA A 162 12.78 -5.80 -22.06
C ALA A 162 12.12 -6.29 -20.78
N TYR A 163 12.03 -7.63 -20.61
CA TYR A 163 11.41 -8.25 -19.44
C TYR A 163 12.39 -8.50 -18.30
N ASP A 164 13.65 -8.11 -18.45
CA ASP A 164 14.63 -8.40 -17.43
C ASP A 164 14.77 -7.18 -16.54
N THR A 165 14.58 -7.38 -15.24
CA THR A 165 14.50 -6.33 -14.23
C THR A 165 15.50 -6.65 -13.12
N ARG A 166 15.67 -5.72 -12.19
CA ARG A 166 16.64 -5.93 -11.11
C ARG A 166 16.05 -6.92 -10.10
N PRO A 167 16.81 -7.96 -9.70
CA PRO A 167 16.25 -8.96 -8.77
C PRO A 167 15.89 -8.39 -7.39
N GLN A 168 16.42 -7.22 -7.01
CA GLN A 168 16.11 -6.65 -5.69
C GLN A 168 14.64 -6.31 -5.54
N GLN A 169 13.94 -6.05 -6.64
CA GLN A 169 12.49 -5.80 -6.63
C GLN A 169 11.80 -7.16 -6.80
N SER A 170 11.71 -7.88 -5.67
CA SER A 170 11.54 -9.33 -5.72
C SER A 170 10.23 -9.74 -6.37
N TRP A 171 9.14 -9.05 -6.04
CA TRP A 171 7.85 -9.41 -6.60
C TRP A 171 7.76 -9.06 -8.09
N LEU A 172 8.14 -7.84 -8.47
CA LEU A 172 8.09 -7.47 -9.87
C LEU A 172 9.01 -8.34 -10.71
N HIS A 173 10.14 -8.73 -10.14
CA HIS A 173 11.08 -9.60 -10.83
C HIS A 173 10.42 -10.94 -11.21
N MET A 174 9.73 -11.56 -10.24
CA MET A 174 9.06 -12.82 -10.54
C MET A 174 7.96 -12.63 -11.59
N GLU A 175 7.14 -11.59 -11.43
CA GLU A 175 6.09 -11.27 -12.41
C GLU A 175 6.65 -11.06 -13.80
N MET A 176 7.73 -10.28 -13.93
CA MET A 176 8.26 -10.05 -15.28
C MET A 176 8.91 -11.31 -15.86
N LYS A 177 9.56 -12.14 -15.05
CA LYS A 177 10.06 -13.41 -15.55
C LYS A 177 8.93 -14.32 -16.04
N ALA A 178 7.83 -14.40 -15.29
CA ALA A 178 6.68 -15.19 -15.71
C ALA A 178 6.11 -14.66 -17.00
N LEU A 179 6.00 -13.32 -17.10
CA LEU A 179 5.47 -12.75 -18.33
C LEU A 179 6.41 -12.97 -19.52
N LYS A 180 7.72 -12.95 -19.29
CA LYS A 180 8.67 -13.29 -20.37
C LYS A 180 8.43 -14.70 -20.89
N VAL A 181 8.22 -15.66 -19.98
CA VAL A 181 7.98 -17.04 -20.39
C VAL A 181 6.67 -17.16 -21.15
N LEU A 182 5.63 -16.51 -20.67
CA LEU A 182 4.36 -16.49 -21.37
C LEU A 182 4.50 -15.88 -22.77
N ALA A 183 5.28 -14.81 -22.91
CA ALA A 183 5.47 -14.23 -24.24
C ALA A 183 6.26 -15.16 -25.15
N ALA A 184 7.33 -15.76 -24.64
CA ALA A 184 8.09 -16.71 -25.46
C ALA A 184 7.22 -17.86 -25.95
N HIS A 185 6.44 -18.48 -25.04
CA HIS A 185 5.56 -19.55 -25.49
C HIS A 185 4.43 -19.02 -26.36
N GLY A 186 3.85 -17.89 -25.99
CA GLY A 186 2.72 -17.36 -26.75
C GLY A 186 3.07 -16.96 -28.17
N THR A 187 4.30 -16.51 -28.41
CA THR A 187 4.74 -16.15 -29.76
C THR A 187 5.32 -17.33 -30.53
N GLY A 188 5.38 -18.51 -29.92
CA GLY A 188 5.88 -19.70 -30.61
C GLY A 188 7.38 -19.82 -30.58
N HIS A 189 8.02 -19.22 -29.58
CA HIS A 189 9.47 -19.33 -29.38
C HIS A 189 9.83 -19.87 -28.00
N PRO A 190 9.34 -21.07 -27.64
CA PRO A 190 9.67 -21.61 -26.31
C PRO A 190 11.16 -21.83 -26.09
N ASP A 191 11.96 -22.02 -27.16
CA ASP A 191 13.38 -22.30 -26.99
C ASP A 191 14.13 -21.12 -26.37
N VAL A 192 13.53 -19.93 -26.41
CA VAL A 192 14.13 -18.70 -25.92
C VAL A 192 14.30 -18.76 -24.40
N VAL A 193 13.43 -19.49 -23.71
CA VAL A 193 13.40 -19.44 -22.25
C VAL A 193 14.66 -20.09 -21.73
N ARG A 194 15.35 -19.40 -20.82
CA ARG A 194 16.60 -19.87 -20.26
C ARG A 194 16.34 -20.53 -18.92
N ASP A 195 17.28 -21.37 -18.50
CA ASP A 195 17.07 -22.02 -17.21
C ASP A 195 17.02 -21.00 -16.06
N GLU A 196 17.73 -19.87 -16.20
CA GLU A 196 17.63 -18.86 -15.14
C GLU A 196 16.24 -18.20 -15.09
N ASP A 197 15.50 -18.21 -16.20
CA ASP A 197 14.12 -17.72 -16.15
C ASP A 197 13.21 -18.64 -15.32
N TRP A 198 13.27 -19.95 -15.58
CA TRP A 198 12.46 -20.89 -14.80
C TRP A 198 12.82 -20.82 -13.34
N ARG A 199 14.12 -20.72 -13.04
CA ARG A 199 14.60 -20.79 -11.67
C ARG A 199 13.95 -19.71 -10.81
N ALA A 200 13.70 -18.53 -11.38
CA ALA A 200 13.10 -17.43 -10.64
C ALA A 200 11.66 -17.73 -10.22
N LEU A 201 11.02 -18.68 -10.88
CA LEU A 201 9.62 -19.00 -10.64
C LEU A 201 9.43 -20.11 -9.61
N LEU A 202 10.51 -20.73 -9.15
CA LEU A 202 10.37 -21.89 -8.27
C LEU A 202 9.56 -21.60 -7.00
N PRO A 203 9.59 -20.41 -6.40
CA PRO A 203 8.80 -20.25 -5.18
C PRO A 203 7.31 -20.45 -5.38
N ALA A 204 6.80 -20.31 -6.61
CA ALA A 204 5.38 -20.51 -6.87
C ALA A 204 4.97 -21.96 -6.71
N LEU A 205 5.91 -22.90 -6.69
CA LEU A 205 5.61 -24.31 -6.51
C LEU A 205 5.65 -24.75 -5.05
N GLU A 206 5.88 -23.83 -4.14
CA GLU A 206 5.90 -24.20 -2.71
C GLU A 206 4.48 -24.22 -2.16
N PRO A 207 4.14 -25.21 -1.34
CA PRO A 207 2.79 -25.28 -0.78
C PRO A 207 2.52 -24.16 0.21
N GLY A 208 1.24 -23.96 0.51
CA GLY A 208 0.84 -23.00 1.50
C GLY A 208 0.47 -21.68 0.87
N PRO A 209 0.45 -20.61 1.66
CA PRO A 209 0.16 -19.28 1.11
C PRO A 209 1.22 -18.89 0.08
N ALA A 210 0.82 -17.94 -0.78
CA ALA A 210 1.75 -17.48 -1.82
C ALA A 210 3.01 -16.92 -1.19
N TRP A 211 4.12 -17.11 -1.89
CA TRP A 211 5.37 -16.45 -1.57
C TRP A 211 5.13 -14.95 -1.43
N GLU A 212 5.59 -14.37 -0.31
CA GLU A 212 5.45 -12.94 -0.04
C GLU A 212 3.99 -12.48 -0.02
N CYS A 213 3.08 -13.39 0.33
CA CYS A 213 1.64 -13.14 0.36
C CYS A 213 1.08 -12.59 -0.94
N ASN A 214 1.73 -12.83 -2.09
CA ASN A 214 1.38 -12.15 -3.34
C ASN A 214 0.71 -13.14 -4.30
N ASN A 215 -0.62 -13.09 -4.35
CA ASN A 215 -1.34 -14.03 -5.21
C ASN A 215 -1.13 -13.72 -6.68
N LEU A 216 -0.95 -12.44 -7.04
CA LEU A 216 -0.74 -12.14 -8.45
C LEU A 216 0.54 -12.79 -8.97
N ALA A 217 1.62 -12.67 -8.21
CA ALA A 217 2.90 -13.22 -8.66
C ALA A 217 2.84 -14.73 -8.77
N GLN A 218 2.23 -15.39 -7.77
CA GLN A 218 2.14 -16.84 -7.83
C GLN A 218 1.28 -17.26 -9.01
N LEU A 219 0.16 -16.58 -9.27
CA LEU A 219 -0.70 -16.98 -10.38
C LEU A 219 0.02 -16.82 -11.71
N LEU A 220 0.70 -15.69 -11.94
CA LEU A 220 1.41 -15.52 -13.21
C LEU A 220 2.50 -16.58 -13.34
N ALA A 221 3.24 -16.83 -12.26
CA ALA A 221 4.30 -17.85 -12.30
C ALA A 221 3.71 -19.21 -12.64
N LEU A 222 2.56 -19.56 -12.07
CA LEU A 222 2.00 -20.87 -12.36
C LEU A 222 1.46 -20.96 -13.78
N LEU A 223 0.87 -19.86 -14.27
CA LEU A 223 0.49 -19.85 -15.68
C LEU A 223 1.68 -20.07 -16.59
N ALA A 224 2.87 -19.56 -16.24
CA ALA A 224 4.07 -19.84 -17.01
C ALA A 224 4.56 -21.27 -16.81
N LEU A 225 4.61 -21.72 -15.54
CA LEU A 225 5.20 -23.03 -15.23
C LEU A 225 4.40 -24.18 -15.81
N ARG A 226 3.10 -23.98 -16.03
CA ARG A 226 2.37 -25.11 -16.59
C ARG A 226 2.79 -25.43 -18.02
N HIS A 227 3.60 -24.56 -18.67
CA HIS A 227 4.17 -24.91 -19.97
C HIS A 227 5.43 -25.75 -19.88
N SER A 228 5.90 -26.06 -18.68
CA SER A 228 7.19 -26.74 -18.55
C SER A 228 7.01 -28.18 -18.06
N PRO A 229 7.31 -29.19 -18.88
CA PRO A 229 7.14 -30.56 -18.40
C PRO A 229 7.93 -30.87 -17.14
N ARG A 230 9.11 -30.26 -16.98
CA ARG A 230 9.96 -30.50 -15.82
C ARG A 230 9.34 -29.96 -14.53
N HIS A 231 8.39 -29.03 -14.60
CA HIS A 231 7.83 -28.46 -13.37
C HIS A 231 6.42 -28.96 -13.06
N ARG A 232 5.79 -29.64 -14.01
CA ARG A 232 4.40 -30.04 -13.81
C ARG A 232 4.17 -31.02 -12.65
N PRO A 233 5.13 -31.87 -12.21
CA PRO A 233 4.80 -32.72 -11.04
C PRO A 233 4.37 -31.95 -9.83
N ALA A 234 4.84 -30.71 -9.67
CA ALA A 234 4.53 -29.92 -8.48
C ALA A 234 3.25 -29.11 -8.60
N LEU A 235 2.64 -29.10 -9.79
CA LEU A 235 1.53 -28.20 -10.04
C LEU A 235 0.25 -28.63 -9.31
N GLY A 236 -0.05 -29.93 -9.32
CA GLY A 236 -1.31 -30.39 -8.77
C GLY A 236 -1.56 -29.94 -7.35
N ASP A 237 -0.55 -30.09 -6.48
CA ASP A 237 -0.73 -29.74 -5.06
C ASP A 237 -0.89 -28.23 -4.88
N VAL A 238 -0.19 -27.41 -5.68
CA VAL A 238 -0.35 -25.97 -5.44
C VAL A 238 -1.70 -25.48 -5.95
N LEU A 239 -2.25 -26.10 -7.01
CA LEU A 239 -3.59 -25.71 -7.48
C LEU A 239 -4.63 -25.89 -6.39
N LYS A 240 -4.48 -26.94 -5.57
CA LYS A 240 -5.38 -27.12 -4.43
C LYS A 240 -5.27 -25.95 -3.45
N HIS A 241 -4.04 -25.51 -3.16
CA HIS A 241 -3.88 -24.38 -2.24
C HIS A 241 -4.45 -23.11 -2.84
N VAL A 242 -4.20 -22.89 -4.13
CA VAL A 242 -4.73 -21.69 -4.79
C VAL A 242 -6.24 -21.70 -4.74
N ALA A 243 -6.87 -22.84 -5.04
CA ALA A 243 -8.32 -22.91 -5.04
C ALA A 243 -8.89 -22.69 -3.65
N GLY A 244 -8.15 -23.07 -2.60
CA GLY A 244 -8.60 -22.92 -1.24
C GLY A 244 -8.59 -21.49 -0.74
N ARG A 245 -8.03 -20.54 -1.50
CA ARG A 245 -7.96 -19.15 -1.08
C ARG A 245 -9.19 -18.32 -1.39
N LEU A 246 -10.16 -18.86 -2.12
CA LEU A 246 -11.28 -18.04 -2.55
C LEU A 246 -11.98 -17.46 -1.33
N ARG A 247 -12.40 -16.21 -1.45
CA ARG A 247 -13.09 -15.52 -0.38
C ARG A 247 -14.57 -15.88 -0.43
N PRO A 248 -15.35 -15.47 0.58
CA PRO A 248 -16.80 -15.77 0.55
C PRO A 248 -17.52 -15.33 -0.71
N ASP A 249 -17.10 -14.24 -1.36
CA ASP A 249 -17.77 -13.80 -2.59
C ASP A 249 -17.31 -14.56 -3.84
N GLY A 250 -16.43 -15.55 -3.71
CA GLY A 250 -15.96 -16.33 -4.82
C GLY A 250 -14.71 -15.83 -5.48
N GLY A 251 -14.18 -14.69 -5.03
CA GLY A 251 -13.05 -14.07 -5.69
C GLY A 251 -11.71 -14.38 -5.00
N MET A 252 -10.64 -13.97 -5.67
CA MET A 252 -9.24 -14.07 -5.25
C MET A 252 -8.74 -12.69 -4.88
N PRO A 253 -8.16 -12.46 -3.70
CA PRO A 253 -7.54 -11.15 -3.43
C PRO A 253 -6.14 -11.04 -4.02
N PHE A 254 -5.68 -9.80 -4.17
CA PHE A 254 -4.31 -9.55 -4.62
C PHE A 254 -3.31 -10.13 -3.63
N ILE A 255 -3.48 -9.81 -2.34
CA ILE A 255 -2.57 -10.22 -1.28
C ILE A 255 -3.40 -10.79 -0.13
N ASP A 256 -2.74 -11.49 0.78
CA ASP A 256 -3.50 -11.98 1.93
C ASP A 256 -4.03 -10.84 2.79
N GLY A 257 -3.33 -9.72 2.85
CA GLY A 257 -3.78 -8.64 3.70
C GLY A 257 -2.64 -7.66 3.91
N MET A 258 -2.90 -6.68 4.76
CA MET A 258 -1.89 -5.68 5.10
C MET A 258 -1.89 -5.47 6.62
N THR A 259 -1.85 -6.57 7.38
CA THR A 259 -2.03 -6.45 8.83
C THR A 259 -0.86 -5.71 9.50
N VAL A 260 0.37 -5.82 8.98
CA VAL A 260 1.47 -5.10 9.64
C VAL A 260 1.34 -3.61 9.43
N PHE A 261 1.15 -3.20 8.17
CA PHE A 261 0.87 -1.80 7.82
C PHE A 261 -0.30 -1.24 8.65
N THR A 262 -1.41 -1.99 8.67
CA THR A 262 -2.60 -1.47 9.32
C THR A 262 -2.44 -1.42 10.85
N THR A 263 -1.83 -2.46 11.42
CA THR A 263 -1.61 -2.46 12.87
C THR A 263 -0.68 -1.33 13.29
N ALA A 264 0.36 -1.05 12.48
CA ALA A 264 1.28 0.04 12.81
C ALA A 264 0.59 1.40 12.72
N ALA A 265 -0.19 1.63 11.65
CA ALA A 265 -0.87 2.91 11.56
C ALA A 265 -1.92 3.06 12.66
N ALA A 266 -2.59 1.97 13.02
CA ALA A 266 -3.57 2.06 14.10
C ALA A 266 -2.89 2.30 15.44
N GLY A 267 -1.79 1.61 15.71
CA GLY A 267 -1.06 1.88 16.93
C GLY A 267 -0.63 3.33 17.00
N LEU A 268 -0.14 3.87 15.88
CA LEU A 268 0.27 5.26 15.86
C LEU A 268 -0.90 6.16 16.19
N ALA A 269 -2.05 5.90 15.59
CA ALA A 269 -3.23 6.72 15.87
C ALA A 269 -3.62 6.64 17.34
N LEU A 270 -3.63 5.43 17.89
CA LEU A 270 -3.98 5.27 19.29
C LEU A 270 -2.96 5.94 20.20
N SER A 271 -1.68 5.94 19.79
CA SER A 271 -0.62 6.52 20.60
C SER A 271 -0.66 8.04 20.59
N LEU A 272 -1.39 8.63 19.65
CA LEU A 272 -1.57 10.08 19.62
C LEU A 272 -2.80 10.56 20.38
N LEU A 273 -3.61 9.66 20.94
CA LEU A 273 -4.77 10.08 21.73
C LEU A 273 -4.31 10.64 23.08
N PRO A 274 -5.15 11.48 23.73
CA PRO A 274 -4.80 11.97 25.08
C PRO A 274 -4.41 10.89 26.06
N ALA A 275 -5.17 9.79 26.14
CA ALA A 275 -4.87 8.66 27.01
C ALA A 275 -4.85 7.39 26.16
N PRO A 276 -3.70 7.02 25.61
CA PRO A 276 -3.64 5.81 24.76
C PRO A 276 -4.12 4.57 25.50
N PRO A 277 -4.86 3.70 24.81
CA PRO A 277 -5.34 2.47 25.44
C PRO A 277 -4.20 1.52 25.77
N ALA A 278 -4.48 0.58 26.67
CA ALA A 278 -3.46 -0.37 27.09
C ALA A 278 -3.04 -1.26 25.94
N CYS A 279 -3.89 -1.44 24.95
CA CYS A 279 -3.57 -2.41 23.90
C CYS A 279 -2.41 -1.95 23.04
N VAL A 280 -1.91 -0.71 23.19
CA VAL A 280 -0.77 -0.34 22.36
C VAL A 280 0.43 -1.22 22.68
N THR A 281 0.56 -1.71 23.92
CA THR A 281 1.73 -2.51 24.24
C THR A 281 1.74 -3.85 23.50
N PRO A 282 0.69 -4.68 23.54
CA PRO A 282 0.75 -5.91 22.71
C PRO A 282 0.80 -5.62 21.23
N MET A 283 0.24 -4.50 20.75
CA MET A 283 0.40 -4.13 19.33
C MET A 283 1.86 -3.89 19.01
N ALA A 284 2.55 -3.14 19.88
CA ALA A 284 3.97 -2.88 19.66
C ALA A 284 4.74 -4.19 19.71
N ASP A 285 4.41 -5.06 20.66
CA ASP A 285 5.06 -6.36 20.75
C ASP A 285 4.86 -7.16 19.46
N ALA A 286 3.63 -7.23 18.97
CA ALA A 286 3.30 -8.03 17.80
C ALA A 286 4.04 -7.54 16.56
N LEU A 287 4.24 -6.22 16.44
CA LEU A 287 4.99 -5.71 15.29
C LEU A 287 6.47 -6.02 15.42
N ALA A 288 7.05 -5.74 16.58
CA ALA A 288 8.49 -5.90 16.73
C ALA A 288 8.92 -7.34 16.50
N LEU A 289 8.14 -8.31 16.97
CA LEU A 289 8.58 -9.71 16.78
C LEU A 289 8.47 -10.15 15.33
N ARG A 290 7.85 -9.34 14.48
CA ARG A 290 7.76 -9.62 13.05
C ARG A 290 8.82 -8.90 12.22
N ARG A 291 9.78 -8.20 12.85
CA ARG A 291 10.76 -7.49 12.05
C ARG A 291 11.64 -8.45 11.26
N ASN A 292 12.03 -8.00 10.07
CA ASN A 292 12.87 -8.78 9.19
C ASN A 292 14.32 -8.66 9.63
N PRO A 293 15.20 -9.52 9.12
CA PRO A 293 16.61 -9.44 9.56
C PRO A 293 17.28 -8.11 9.28
N ASP A 294 16.88 -7.40 8.22
CA ASP A 294 17.47 -6.11 7.91
C ASP A 294 16.95 -4.99 8.78
N GLY A 295 16.07 -5.28 9.75
CA GLY A 295 15.55 -4.27 10.65
C GLY A 295 14.24 -3.62 10.21
N GLY A 296 13.81 -3.86 8.97
CA GLY A 296 12.58 -3.26 8.47
C GLY A 296 11.41 -4.22 8.58
N TYR A 297 10.30 -3.81 7.96
CA TYR A 297 9.00 -4.45 8.09
C TYR A 297 8.34 -4.56 6.73
N GLY A 298 7.70 -5.71 6.49
CA GLY A 298 6.86 -5.88 5.31
C GLY A 298 5.43 -5.58 5.69
N PHE A 299 4.55 -5.69 4.69
CA PHE A 299 3.19 -5.16 4.86
C PHE A 299 2.25 -6.16 5.57
N HIS A 300 2.62 -7.44 5.65
CA HIS A 300 1.78 -8.47 6.24
C HIS A 300 2.71 -9.49 6.89
N SER A 301 2.16 -10.35 7.75
CA SER A 301 2.96 -11.45 8.29
C SER A 301 3.49 -12.32 7.15
N GLY A 302 4.75 -12.74 7.26
CA GLY A 302 5.33 -13.60 6.24
C GLY A 302 5.81 -12.86 5.02
N VAL A 303 5.96 -11.54 5.08
CA VAL A 303 6.52 -10.78 3.96
C VAL A 303 7.96 -10.46 4.32
N ALA A 304 8.91 -11.11 3.65
CA ALA A 304 10.34 -10.89 3.94
C ALA A 304 10.92 -9.64 3.27
N GLN A 305 10.28 -9.10 2.25
CA GLN A 305 10.72 -7.85 1.64
C GLN A 305 10.28 -6.70 2.52
N SER A 306 11.23 -6.03 3.19
CA SER A 306 10.90 -4.82 3.93
C SER A 306 10.66 -3.65 2.98
N ASP A 307 9.95 -2.63 3.47
CA ASP A 307 9.75 -1.42 2.68
C ASP A 307 9.73 -0.21 3.61
N VAL A 308 9.94 0.96 3.02
CA VAL A 308 10.08 2.17 3.81
C VAL A 308 8.74 2.59 4.42
N ALA A 309 7.64 2.42 3.68
CA ALA A 309 6.35 2.89 4.19
C ALA A 309 5.95 2.15 5.46
N ASP A 310 6.08 0.82 5.44
CA ASP A 310 5.72 0.02 6.60
C ASP A 310 6.65 0.31 7.75
N THR A 311 7.95 0.37 7.45
CA THR A 311 8.93 0.59 8.51
C THR A 311 8.73 1.95 9.17
N CYS A 312 8.36 2.99 8.40
CA CYS A 312 8.18 4.30 9.03
C CYS A 312 6.98 4.30 9.97
N TYR A 313 5.87 3.66 9.58
CA TYR A 313 4.73 3.60 10.51
C TYR A 313 5.09 2.82 11.78
N VAL A 314 5.79 1.69 11.65
CA VAL A 314 6.21 0.95 12.83
C VAL A 314 7.12 1.81 13.71
N LEU A 315 8.12 2.44 13.11
CA LEU A 315 9.05 3.27 13.87
C LEU A 315 8.33 4.44 14.56
N GLU A 316 7.45 5.15 13.85
CA GLU A 316 6.67 6.23 14.46
C GLU A 316 5.85 5.74 15.65
N PHE A 317 5.21 4.58 15.50
CA PHE A 317 4.44 3.99 16.60
C PHE A 317 5.35 3.58 17.77
N LEU A 318 6.40 2.80 17.51
CA LEU A 318 7.24 2.32 18.61
C LEU A 318 7.90 3.46 19.38
N ARG A 319 8.34 4.50 18.66
CA ARG A 319 8.95 5.67 19.30
C ARG A 319 8.04 6.28 20.35
N ARG A 320 6.74 6.26 20.09
CA ARG A 320 5.78 6.85 21.04
C ARG A 320 5.30 5.87 22.09
N ALA A 321 5.05 4.61 21.73
CA ALA A 321 4.40 3.68 22.63
C ALA A 321 5.35 2.74 23.34
N ALA A 322 6.56 2.55 22.84
CA ALA A 322 7.48 1.59 23.47
C ALA A 322 8.94 1.89 23.19
N PRO A 323 9.40 3.13 23.37
CA PRO A 323 10.79 3.43 22.98
C PRO A 323 11.83 2.71 23.80
N ASP A 324 11.51 2.36 25.04
CA ASP A 324 12.42 1.63 25.90
C ASP A 324 12.19 0.14 25.78
N ARG A 325 10.93 -0.28 25.85
CA ARG A 325 10.62 -1.70 25.75
C ARG A 325 11.11 -2.28 24.44
N HIS A 326 11.04 -1.52 23.36
CA HIS A 326 11.48 -1.98 22.05
C HIS A 326 12.63 -1.14 21.51
N ARG A 327 13.51 -0.72 22.42
CA ARG A 327 14.66 0.11 22.05
C ARG A 327 15.47 -0.50 20.92
N THR A 328 15.71 -1.81 20.97
CA THR A 328 16.53 -2.45 19.94
C THR A 328 15.82 -2.50 18.58
N ALA A 329 14.52 -2.82 18.55
CA ALA A 329 13.78 -2.77 17.28
C ALA A 329 13.75 -1.35 16.71
N VAL A 330 13.64 -0.35 17.59
CA VAL A 330 13.66 1.03 17.12
C VAL A 330 14.98 1.32 16.42
N ALA A 331 16.09 0.95 17.07
CA ALA A 331 17.40 1.26 16.48
C ALA A 331 17.59 0.50 15.19
N GLU A 332 17.09 -0.73 15.12
CA GLU A 332 17.26 -1.53 13.93
C GLU A 332 16.45 -0.97 12.77
N ALA A 333 15.29 -0.39 13.07
CA ALA A 333 14.49 0.26 12.03
C ALA A 333 15.16 1.52 11.52
N GLU A 334 15.71 2.35 12.43
CA GLU A 334 16.49 3.51 11.98
C GLU A 334 17.67 3.09 11.13
N GLY A 335 18.35 2.01 11.54
CA GLY A 335 19.46 1.51 10.76
C GLY A 335 19.05 1.07 9.38
N TYR A 336 17.90 0.37 9.30
CA TYR A 336 17.33 -0.05 8.01
C TYR A 336 17.13 1.14 7.09
N LEU A 337 16.51 2.20 7.62
CA LEU A 337 16.22 3.36 6.79
C LEU A 337 17.51 4.03 6.33
N LEU A 338 18.45 4.21 7.25
CA LEU A 338 19.69 4.92 6.90
C LEU A 338 20.47 4.15 5.85
N ALA A 339 20.39 2.83 5.85
CA ALA A 339 21.13 2.03 4.88
C ALA A 339 20.53 2.11 3.48
N LEU A 340 19.28 2.57 3.37
CA LEU A 340 18.57 2.71 2.10
C LEU A 340 18.72 4.10 1.49
N ARG A 341 19.18 5.07 2.27
CA ARG A 341 19.16 6.48 1.87
C ARG A 341 19.99 6.67 0.61
N ASN A 342 19.47 7.46 -0.32
CA ASN A 342 20.12 7.75 -1.59
C ASN A 342 21.03 8.97 -1.48
N PRO A 343 22.04 9.05 -2.37
CA PRO A 343 22.93 10.22 -2.37
C PRO A 343 22.22 11.56 -2.49
N ASP A 344 21.08 11.64 -3.20
CA ASP A 344 20.39 12.93 -3.33
C ASP A 344 19.64 13.34 -2.05
N GLY A 345 19.74 12.58 -0.97
CA GLY A 345 19.04 12.89 0.26
C GLY A 345 17.66 12.27 0.37
N GLY A 346 17.14 11.68 -0.70
CA GLY A 346 15.85 11.02 -0.67
C GLY A 346 15.97 9.55 -0.30
N PHE A 347 14.80 8.90 -0.19
CA PHE A 347 14.67 7.48 0.12
C PHE A 347 13.83 6.79 -0.95
N PRO A 348 14.20 5.57 -1.35
CA PRO A 348 13.37 4.76 -2.23
C PRO A 348 12.30 4.02 -1.42
N THR A 349 11.47 3.23 -2.11
CA THR A 349 10.50 2.38 -1.40
C THR A 349 11.15 1.12 -0.82
N PHE A 350 12.00 0.44 -1.60
CA PHE A 350 12.54 -0.88 -1.25
C PHE A 350 14.06 -0.93 -1.25
N ALA A 351 14.71 -0.42 -2.28
CA ALA A 351 16.10 -0.78 -2.54
C ALA A 351 16.91 0.47 -2.85
N ARG A 352 18.04 0.63 -2.16
CA ARG A 352 18.96 1.72 -2.49
C ARG A 352 19.42 1.54 -3.92
N GLY A 353 19.61 2.65 -4.61
CA GLY A 353 19.93 2.62 -6.02
C GLY A 353 18.73 2.82 -6.92
N THR A 354 17.52 2.58 -6.42
CA THR A 354 16.33 2.95 -7.17
C THR A 354 15.93 4.37 -6.81
N SER A 355 15.08 4.96 -7.64
CA SER A 355 14.80 6.38 -7.50
C SER A 355 14.21 6.69 -6.13
N SER A 356 14.68 7.78 -5.55
CA SER A 356 14.03 8.34 -4.37
C SER A 356 12.59 8.72 -4.71
N GLU A 357 11.71 8.64 -3.72
CA GLU A 357 10.31 8.95 -3.91
C GLU A 357 9.94 10.00 -2.88
N ILE A 358 9.13 10.98 -3.26
CA ILE A 358 8.87 12.10 -2.35
C ILE A 358 8.16 11.64 -1.09
N ALA A 359 7.10 10.84 -1.24
CA ALA A 359 6.35 10.44 -0.04
C ALA A 359 7.20 9.61 0.91
N MET A 360 8.02 8.70 0.38
CA MET A 360 8.89 7.89 1.23
C MET A 360 9.97 8.75 1.89
N THR A 361 10.49 9.73 1.14
CA THR A 361 11.49 10.62 1.72
C THR A 361 10.90 11.42 2.87
N ALA A 362 9.70 11.97 2.69
CA ALA A 362 9.04 12.68 3.78
C ALA A 362 8.75 11.75 4.96
N ALA A 363 8.29 10.53 4.69
CA ALA A 363 7.98 9.63 5.81
C ALA A 363 9.21 9.30 6.61
N ALA A 364 10.34 9.06 5.93
CA ALA A 364 11.58 8.71 6.63
C ALA A 364 12.12 9.92 7.39
N ALA A 365 11.96 11.12 6.83
CA ALA A 365 12.40 12.31 7.55
C ALA A 365 11.71 12.42 8.90
N SER A 366 10.38 12.30 8.90
CA SER A 366 9.63 12.40 10.14
C SER A 366 9.96 11.26 11.08
N ALA A 367 10.11 10.05 10.54
CA ALA A 367 10.40 8.90 11.41
C ALA A 367 11.77 9.02 12.05
N LEU A 368 12.75 9.55 11.32
CA LEU A 368 14.09 9.67 11.87
C LEU A 368 14.25 10.94 12.71
N ALA A 369 13.35 11.90 12.58
CA ALA A 369 13.55 13.17 13.25
C ALA A 369 13.53 13.06 14.77
N HIS A 370 13.06 11.92 15.32
CA HIS A 370 12.97 11.79 16.76
C HIS A 370 14.36 11.79 17.41
N ASP A 371 15.33 11.14 16.78
CA ASP A 371 16.73 11.13 17.20
C ASP A 371 17.45 12.42 16.81
N PRO A 372 17.85 13.27 17.77
CA PRO A 372 18.58 14.51 17.39
C PRO A 372 19.92 14.24 16.72
N ASP A 373 20.52 13.07 16.93
CA ASP A 373 21.75 12.68 16.26
C ASP A 373 21.57 12.44 14.76
N ARG A 374 20.33 12.28 14.29
CA ARG A 374 20.08 12.08 12.86
C ARG A 374 19.72 13.39 12.17
N ARG A 375 20.02 14.53 12.80
CA ARG A 375 19.54 15.80 12.29
C ARG A 375 20.01 16.07 10.85
N GLU A 376 21.22 15.65 10.50
CA GLU A 376 21.76 15.96 9.17
C GLU A 376 21.05 15.19 8.06
N GLU A 377 20.86 13.88 8.24
CA GLU A 377 20.09 13.11 7.27
C GLU A 377 18.65 13.61 7.17
N VAL A 378 18.07 14.03 8.29
CA VAL A 378 16.70 14.52 8.28
C VAL A 378 16.62 15.83 7.51
N ASP A 379 17.55 16.76 7.77
CA ASP A 379 17.54 18.01 7.01
C ASP A 379 17.74 17.79 5.51
N GLU A 380 18.62 16.86 5.12
CA GLU A 380 18.81 16.60 3.70
C GLU A 380 17.56 15.98 3.07
N ALA A 381 16.80 15.18 3.82
CA ALA A 381 15.53 14.65 3.29
C ALA A 381 14.48 15.77 3.15
N VAL A 382 14.36 16.64 4.15
CA VAL A 382 13.39 17.74 4.02
C VAL A 382 13.77 18.66 2.87
N ARG A 383 15.08 18.94 2.73
CA ARG A 383 15.50 19.74 1.56
C ARG A 383 15.08 19.08 0.26
N TYR A 384 15.15 17.74 0.19
CA TYR A 384 14.73 17.03 -1.00
C TYR A 384 13.24 17.25 -1.28
N VAL A 385 12.42 17.21 -0.23
CA VAL A 385 10.99 17.44 -0.40
C VAL A 385 10.73 18.83 -0.94
N VAL A 386 11.40 19.84 -0.38
CA VAL A 386 11.20 21.22 -0.87
C VAL A 386 11.53 21.33 -2.35
N ARG A 387 12.63 20.71 -2.77
CA ARG A 387 13.11 20.79 -4.15
C ARG A 387 12.13 20.16 -5.14
N HIS A 388 11.33 19.19 -4.71
CA HIS A 388 10.49 18.47 -5.64
C HIS A 388 9.02 18.90 -5.59
N GLN A 389 8.70 19.90 -4.80
CA GLN A 389 7.33 20.43 -4.82
C GLN A 389 6.98 20.98 -6.21
N ARG A 390 5.77 20.70 -6.67
CA ARG A 390 5.37 21.09 -8.03
C ARG A 390 4.94 22.56 -8.06
N PRO A 391 4.84 23.16 -9.25
CA PRO A 391 4.45 24.59 -9.31
C PRO A 391 3.08 24.90 -8.74
N ASP A 392 2.17 23.91 -8.63
CA ASP A 392 0.86 24.17 -8.04
C ASP A 392 0.81 23.81 -6.57
N GLY A 393 1.94 23.45 -5.96
CA GLY A 393 1.97 23.16 -4.54
C GLY A 393 1.88 21.68 -4.19
N THR A 394 1.66 20.81 -5.17
CA THR A 394 1.48 19.38 -4.92
C THR A 394 2.81 18.66 -5.03
N PHE A 395 2.78 17.32 -4.86
CA PHE A 395 4.02 16.55 -4.94
C PHE A 395 3.98 15.44 -5.99
N GLU A 396 3.58 14.22 -5.64
CA GLU A 396 3.47 13.16 -6.66
C GLU A 396 2.94 11.90 -6.01
N ARG A 397 2.01 11.21 -6.67
CA ARG A 397 1.41 10.00 -6.13
C ARG A 397 2.38 8.83 -6.27
N SER A 398 2.11 7.79 -5.49
CA SER A 398 2.84 6.53 -5.63
C SER A 398 1.95 5.43 -5.09
N TRP A 399 2.22 5.00 -3.85
CA TRP A 399 1.46 3.88 -3.30
C TRP A 399 0.02 4.26 -2.96
N SER A 400 -0.24 5.51 -2.64
CA SER A 400 -1.62 5.94 -2.47
C SER A 400 -2.04 6.66 -3.75
N ARG A 401 -3.29 6.47 -4.17
CA ARG A 401 -3.75 7.05 -5.44
C ARG A 401 -4.34 8.45 -5.28
N ASN A 402 -4.42 8.98 -4.08
CA ASN A 402 -4.96 10.33 -4.03
C ASN A 402 -3.83 11.32 -3.86
N ALA A 403 -4.10 12.58 -4.22
CA ALA A 403 -3.06 13.59 -4.11
C ALA A 403 -2.80 14.00 -2.68
N THR A 404 -3.78 13.80 -1.81
CA THR A 404 -3.61 14.28 -0.45
C THR A 404 -2.62 13.43 0.36
N ASN A 405 -2.30 12.21 -0.08
CA ASN A 405 -1.37 11.41 0.71
C ASN A 405 0.02 12.05 0.76
N ALA A 406 0.58 12.39 -0.40
CA ALA A 406 1.93 12.93 -0.39
C ALA A 406 1.94 14.32 0.22
N VAL A 407 0.85 15.08 0.06
CA VAL A 407 0.75 16.36 0.74
C VAL A 407 0.87 16.17 2.24
N PHE A 408 0.13 15.22 2.83
CA PHE A 408 0.20 15.06 4.29
C PHE A 408 1.60 14.63 4.72
N ARG A 409 2.21 13.68 4.02
CA ARG A 409 3.56 13.30 4.44
C ARG A 409 4.54 14.47 4.31
N ALA A 410 4.45 15.22 3.22
CA ALA A 410 5.37 16.35 3.05
C ALA A 410 5.16 17.40 4.13
N VAL A 411 3.91 17.76 4.41
CA VAL A 411 3.64 18.80 5.41
C VAL A 411 4.13 18.37 6.78
N LEU A 412 3.96 17.08 7.13
CA LEU A 412 4.46 16.63 8.42
C LEU A 412 5.98 16.76 8.49
N ALA A 413 6.68 16.42 7.39
CA ALA A 413 8.14 16.54 7.41
C ALA A 413 8.56 18.01 7.47
N LEU A 414 7.82 18.87 6.77
CA LEU A 414 8.15 20.29 6.70
C LEU A 414 7.94 21.02 8.02
N THR A 415 7.03 20.53 8.86
CA THR A 415 6.66 21.21 10.09
C THR A 415 7.05 20.47 11.37
N GLY A 416 7.53 19.24 11.27
CA GLY A 416 7.82 18.47 12.47
C GLY A 416 9.29 18.58 12.87
N VAL A 417 10.14 18.73 11.87
CA VAL A 417 11.55 19.02 12.11
C VAL A 417 11.66 20.52 12.43
N ALA A 418 12.18 20.84 13.62
CA ALA A 418 12.27 22.24 14.01
C ALA A 418 13.34 22.97 13.20
N ALA A 419 13.01 24.14 12.66
CA ALA A 419 13.94 24.88 11.84
C ALA A 419 13.85 26.36 12.15
N HIS A 420 14.95 27.07 11.92
CA HIS A 420 15.06 28.49 12.23
C HIS A 420 15.76 29.19 11.08
N GLY A 421 15.59 30.51 11.01
CA GLY A 421 16.28 31.25 9.98
C GLY A 421 15.78 30.96 8.57
N GLU A 422 16.75 30.98 7.63
CA GLU A 422 16.41 30.86 6.21
C GLU A 422 15.70 29.55 5.91
N GLU A 423 16.12 28.46 6.56
CA GLU A 423 15.49 27.18 6.27
C GLU A 423 14.08 27.12 6.86
N ARG A 424 13.83 27.76 8.01
CA ARG A 424 12.46 27.88 8.52
C ARG A 424 11.54 28.52 7.49
N ARG A 425 11.97 29.64 6.93
CA ARG A 425 11.15 30.35 5.96
C ARG A 425 10.90 29.51 4.71
N SER A 426 11.94 28.81 4.23
CA SER A 426 11.79 27.99 3.03
C SER A 426 10.80 26.85 3.27
N ARG A 427 10.91 26.18 4.42
CA ARG A 427 9.98 25.11 4.77
C ARG A 427 8.58 25.62 5.02
N ALA A 428 8.45 26.76 5.70
CA ALA A 428 7.12 27.30 5.96
C ALA A 428 6.42 27.69 4.66
N ARG A 429 7.16 28.28 3.72
CA ARG A 429 6.57 28.65 2.44
C ARG A 429 6.10 27.41 1.69
N ALA A 430 6.91 26.35 1.70
CA ALA A 430 6.51 25.11 1.02
C ALA A 430 5.28 24.51 1.68
N ALA A 431 5.25 24.48 3.01
CA ALA A 431 4.07 23.95 3.67
C ALA A 431 2.85 24.80 3.38
N GLU A 432 3.00 26.13 3.36
CA GLU A 432 1.85 26.98 3.05
C GLU A 432 1.29 26.70 1.66
N ARG A 433 2.15 26.52 0.66
CA ARG A 433 1.64 26.25 -0.69
C ARG A 433 0.90 24.91 -0.74
N ALA A 434 1.37 23.91 0.01
CA ALA A 434 0.70 22.61 0.01
C ALA A 434 -0.66 22.71 0.69
N LEU A 435 -0.73 23.40 1.83
CA LEU A 435 -2.03 23.59 2.48
C LEU A 435 -2.94 24.46 1.63
N ALA A 436 -2.37 25.42 0.89
CA ALA A 436 -3.19 26.20 -0.03
C ALA A 436 -3.75 25.32 -1.15
N HIS A 437 -2.93 24.40 -1.70
CA HIS A 437 -3.50 23.47 -2.66
C HIS A 437 -4.71 22.72 -2.09
N LEU A 438 -4.62 22.27 -0.83
CA LEU A 438 -5.76 21.57 -0.23
C LEU A 438 -6.97 22.48 -0.17
N ALA A 439 -6.79 23.72 0.32
CA ALA A 439 -7.93 24.63 0.41
C ALA A 439 -8.53 24.91 -0.96
N ALA A 440 -7.69 25.00 -1.98
CA ALA A 440 -8.18 25.35 -3.32
C ALA A 440 -9.01 24.23 -3.94
N THR A 441 -8.72 22.97 -3.57
CA THR A 441 -9.36 21.80 -4.17
C THR A 441 -10.40 21.14 -3.26
N GLN A 442 -10.69 21.72 -2.10
CA GLN A 442 -11.68 21.16 -1.18
C GLN A 442 -13.07 21.16 -1.80
N ASN A 443 -13.78 20.04 -1.67
CA ASN A 443 -15.11 19.91 -2.23
C ASN A 443 -16.13 20.67 -1.38
N GLY A 444 -17.29 20.93 -1.99
CA GLY A 444 -18.33 21.65 -1.27
C GLY A 444 -18.73 21.01 0.03
N ASP A 445 -18.74 19.67 0.08
CA ASP A 445 -19.12 18.99 1.32
C ASP A 445 -18.05 18.97 2.39
N GLY A 446 -16.90 19.62 2.16
CA GLY A 446 -15.86 19.67 3.18
C GLY A 446 -14.77 18.63 3.00
N GLY A 447 -14.98 17.65 2.11
CA GLY A 447 -14.02 16.59 1.93
C GLY A 447 -13.19 16.76 0.65
N TRP A 448 -12.32 15.79 0.42
CA TRP A 448 -11.52 15.72 -0.80
C TRP A 448 -11.69 14.32 -1.40
N GLY A 449 -11.59 14.24 -2.72
CA GLY A 449 -11.49 12.96 -3.40
C GLY A 449 -10.08 12.61 -3.83
N HIS A 450 -9.97 11.54 -4.64
CA HIS A 450 -8.68 11.05 -5.13
C HIS A 450 -7.98 12.08 -6.02
N ALA A 451 -8.76 12.89 -6.72
CA ALA A 451 -8.26 13.96 -7.57
C ALA A 451 -9.20 15.15 -7.41
N GLU A 452 -8.80 16.32 -7.94
CA GLU A 452 -9.48 17.58 -7.64
C GLU A 452 -10.97 17.54 -7.99
N ALA A 453 -11.34 16.85 -9.08
CA ALA A 453 -12.74 16.80 -9.51
C ALA A 453 -13.48 15.57 -9.02
N GLU A 454 -12.91 14.80 -8.17
CA GLU A 454 -13.53 13.56 -7.73
C GLU A 454 -14.39 13.82 -6.49
N PRO A 455 -15.44 13.01 -6.30
CA PRO A 455 -16.25 13.13 -5.07
C PRO A 455 -15.44 12.79 -3.84
N SER A 456 -15.82 13.39 -2.72
CA SER A 456 -15.10 13.19 -1.47
C SER A 456 -15.13 11.73 -1.01
N ASP A 457 -14.08 11.34 -0.32
CA ASP A 457 -13.98 10.08 0.39
C ASP A 457 -13.25 10.26 1.71
N PRO A 458 -13.60 9.45 2.73
CA PRO A 458 -13.01 9.65 4.06
C PRO A 458 -11.50 9.51 4.11
N ILE A 459 -10.90 8.59 3.35
CA ILE A 459 -9.46 8.41 3.47
C ILE A 459 -8.72 9.59 2.86
N SER A 460 -9.10 9.99 1.65
CA SER A 460 -8.51 11.20 1.07
C SER A 460 -8.68 12.41 1.98
N THR A 461 -9.85 12.53 2.61
CA THR A 461 -10.10 13.65 3.53
C THR A 461 -9.27 13.53 4.80
N ALA A 462 -9.12 12.30 5.32
CA ALA A 462 -8.29 12.10 6.51
C ALA A 462 -6.87 12.58 6.27
N TYR A 463 -6.29 12.23 5.11
CA TYR A 463 -4.94 12.72 4.81
C TYR A 463 -4.88 14.25 4.82
N ALA A 464 -5.86 14.88 4.16
CA ALA A 464 -5.90 16.35 4.13
C ALA A 464 -5.98 16.93 5.53
N VAL A 465 -6.77 16.30 6.42
CA VAL A 465 -6.92 16.78 7.80
C VAL A 465 -5.61 16.70 8.56
N ILE A 466 -4.88 15.59 8.41
CA ILE A 466 -3.59 15.50 9.07
C ILE A 466 -2.70 16.68 8.69
N ALA A 467 -2.65 17.00 7.39
CA ALA A 467 -1.84 18.15 6.93
C ALA A 467 -2.36 19.46 7.50
N LEU A 468 -3.67 19.70 7.42
CA LEU A 468 -4.22 20.99 7.82
C LEU A 468 -4.08 21.21 9.32
N ALA A 469 -4.08 20.13 10.09
CA ALA A 469 -3.81 20.21 11.53
C ALA A 469 -2.45 20.82 11.83
N ARG A 470 -1.55 20.88 10.85
CA ARG A 470 -0.30 21.61 10.99
C ARG A 470 -0.37 23.05 10.51
N GLY A 471 -1.54 23.54 10.09
CA GLY A 471 -1.68 24.92 9.67
C GLY A 471 -2.15 25.79 10.80
N PRO A 472 -2.70 26.96 10.47
CA PRO A 472 -3.32 27.82 11.49
C PRO A 472 -4.43 27.08 12.24
N ARG A 473 -4.80 27.67 13.38
CA ARG A 473 -5.88 27.11 14.19
C ARG A 473 -7.18 27.04 13.39
N ALA A 474 -7.93 25.94 13.57
CA ALA A 474 -9.24 25.84 12.95
C ALA A 474 -10.13 26.98 13.43
N ARG A 475 -10.91 27.51 12.52
CA ARG A 475 -11.83 28.61 12.75
C ARG A 475 -13.19 28.19 12.21
N PRO A 476 -14.27 28.77 12.71
CA PRO A 476 -15.59 28.39 12.18
C PRO A 476 -15.62 28.56 10.67
N GLY A 477 -16.16 27.56 10.00
CA GLY A 477 -16.28 27.56 8.55
C GLY A 477 -14.98 27.52 7.78
N GLY A 478 -13.82 27.39 8.44
CA GLY A 478 -12.55 27.28 7.76
C GLY A 478 -12.36 25.90 7.15
N PRO A 479 -11.28 25.71 6.36
CA PRO A 479 -11.10 24.39 5.69
C PRO A 479 -11.00 23.23 6.66
N LEU A 480 -10.22 23.37 7.72
CA LEU A 480 -10.07 22.23 8.61
C LEU A 480 -11.36 21.98 9.36
N ASP A 481 -12.02 23.05 9.82
CA ASP A 481 -13.31 22.91 10.46
C ASP A 481 -14.31 22.18 9.57
N ARG A 482 -14.40 22.56 8.28
CA ARG A 482 -15.36 21.89 7.39
C ARG A 482 -14.98 20.43 7.13
N ALA A 483 -13.68 20.14 7.08
CA ALA A 483 -13.23 18.77 6.85
C ALA A 483 -13.60 17.88 8.04
N LEU A 484 -13.39 18.38 9.24
CA LEU A 484 -13.79 17.63 10.43
C LEU A 484 -15.29 17.39 10.44
N ALA A 485 -16.08 18.40 10.06
CA ALA A 485 -17.53 18.24 9.99
C ALA A 485 -17.90 17.15 8.99
N TYR A 486 -17.20 17.11 7.85
CA TYR A 486 -17.42 16.06 6.86
C TYR A 486 -17.16 14.69 7.49
N LEU A 487 -16.05 14.54 8.22
CA LEU A 487 -15.74 13.23 8.82
C LEU A 487 -16.77 12.86 9.88
N VAL A 488 -17.20 13.85 10.67
CA VAL A 488 -18.25 13.60 11.67
C VAL A 488 -19.50 13.06 10.98
N GLU A 489 -19.89 13.66 9.86
CA GLU A 489 -21.10 13.25 9.17
C GLU A 489 -20.99 11.88 8.53
N ARG A 490 -19.80 11.43 8.13
CA ARG A 490 -19.65 10.16 7.42
C ARG A 490 -19.48 8.98 8.36
N GLN A 491 -19.42 9.21 9.66
CA GLN A 491 -19.28 8.10 10.60
C GLN A 491 -20.57 7.28 10.61
N HIS A 492 -20.42 5.96 10.52
CA HIS A 492 -21.57 5.06 10.48
C HIS A 492 -22.10 4.78 11.89
N PRO A 493 -23.33 4.25 11.98
CA PRO A 493 -23.86 3.83 13.29
C PRO A 493 -22.92 2.94 14.09
N ASP A 494 -22.27 1.99 13.43
CA ASP A 494 -21.37 1.11 14.16
C ASP A 494 -20.08 1.80 14.59
N GLY A 495 -19.95 3.11 14.35
CA GLY A 495 -18.77 3.86 14.73
C GLY A 495 -17.69 3.91 13.67
N GLY A 496 -17.87 3.20 12.55
CA GLY A 496 -16.83 3.02 11.57
C GLY A 496 -17.00 3.91 10.35
N TYR A 497 -16.06 3.72 9.41
CA TYR A 497 -16.05 4.43 8.13
C TYR A 497 -15.97 3.42 7.00
N ARG A 498 -16.61 3.76 5.91
CA ARG A 498 -16.46 3.01 4.68
C ARG A 498 -15.91 3.98 3.65
N SER A 499 -14.91 3.53 2.91
CA SER A 499 -14.26 4.45 1.99
C SER A 499 -13.84 3.72 0.73
N ARG A 500 -13.83 4.45 -0.36
CA ARG A 500 -13.13 3.93 -1.51
C ARG A 500 -11.66 3.79 -1.17
N PRO A 501 -11.01 2.73 -1.62
CA PRO A 501 -9.65 2.47 -1.16
C PRO A 501 -8.67 3.38 -1.85
N ASP A 502 -7.52 3.56 -1.23
CA ASP A 502 -6.49 4.39 -1.82
C ASP A 502 -5.18 3.67 -2.08
N GLN A 503 -4.98 2.47 -1.54
CA GLN A 503 -3.74 1.73 -1.78
C GLN A 503 -3.74 1.16 -3.19
N ALA A 504 -2.55 1.06 -3.78
CA ALA A 504 -2.41 0.48 -5.12
C ALA A 504 -1.27 -0.52 -5.15
N GLY A 505 -1.35 -1.44 -6.10
CA GLY A 505 -0.35 -2.49 -6.22
C GLY A 505 -0.81 -3.58 -7.16
N PRO A 506 -0.03 -3.87 -8.21
CA PRO A 506 1.00 -3.01 -8.83
C PRO A 506 0.39 -1.66 -9.17
N ARG A 507 1.07 -0.56 -8.88
CA ARG A 507 0.55 0.75 -9.21
C ARG A 507 0.17 0.79 -10.69
N PRO A 508 -0.96 1.39 -11.05
CA PRO A 508 -1.91 2.12 -10.23
C PRO A 508 -3.16 1.32 -9.86
N LEU A 509 -3.15 -0.01 -9.92
CA LEU A 509 -4.36 -0.79 -9.69
C LEU A 509 -4.73 -0.78 -8.21
N LEU A 510 -6.00 -0.52 -7.90
CA LEU A 510 -6.40 -0.31 -6.51
C LEU A 510 -6.48 -1.63 -5.72
N ILE A 511 -6.14 -1.54 -4.44
CA ILE A 511 -6.21 -2.64 -3.48
C ILE A 511 -7.21 -2.20 -2.44
N ASP A 512 -8.18 -3.07 -2.11
CA ASP A 512 -9.20 -2.67 -1.14
C ASP A 512 -8.97 -3.43 0.17
N VAL A 513 -8.45 -2.72 1.16
CA VAL A 513 -8.22 -3.23 2.50
C VAL A 513 -9.14 -2.40 3.39
N PRO A 514 -10.36 -2.86 3.63
CA PRO A 514 -11.34 -2.01 4.32
C PRO A 514 -10.97 -1.62 5.74
N ALA A 515 -10.11 -2.36 6.41
CA ALA A 515 -9.73 -1.95 7.77
C ALA A 515 -9.00 -0.61 7.77
N LEU A 516 -8.43 -0.19 6.65
CA LEU A 516 -7.64 1.05 6.67
C LEU A 516 -8.51 2.30 6.80
N ALA A 517 -9.78 2.26 6.39
CA ALA A 517 -10.61 3.47 6.50
C ALA A 517 -10.71 3.96 7.95
N ASP A 518 -11.08 3.07 8.88
CA ASP A 518 -11.20 3.50 10.28
C ASP A 518 -9.87 4.01 10.81
N VAL A 519 -8.79 3.36 10.41
CA VAL A 519 -7.49 3.63 10.98
C VAL A 519 -6.98 5.00 10.54
N PHE A 520 -7.09 5.31 9.24
CA PHE A 520 -6.63 6.61 8.80
C PHE A 520 -7.54 7.74 9.27
N VAL A 521 -8.85 7.51 9.36
CA VAL A 521 -9.69 8.55 9.93
C VAL A 521 -9.33 8.78 11.40
N LEU A 522 -9.04 7.71 12.14
CA LEU A 522 -8.66 7.92 13.55
C LEU A 522 -7.34 8.67 13.65
N LEU A 523 -6.39 8.37 12.77
CA LEU A 523 -5.12 9.10 12.78
C LEU A 523 -5.36 10.59 12.54
N ALA A 524 -6.25 10.96 11.61
CA ALA A 524 -6.56 12.37 11.39
C ALA A 524 -7.22 13.01 12.60
N LEU A 525 -8.20 12.33 13.20
CA LEU A 525 -8.88 12.91 14.35
C LEU A 525 -7.93 13.03 15.53
N ALA A 526 -6.99 12.08 15.68
CA ALA A 526 -6.01 12.19 16.75
C ALA A 526 -5.07 13.37 16.51
N HIS A 527 -4.66 13.58 15.25
CA HIS A 527 -3.82 14.74 14.94
C HIS A 527 -4.58 16.05 15.14
N ALA A 528 -5.86 16.08 14.78
CA ALA A 528 -6.57 17.36 14.71
C ALA A 528 -7.16 17.79 16.03
N THR A 529 -7.20 16.89 17.02
CA THR A 529 -7.72 17.18 18.35
C THR A 529 -6.62 17.08 19.38
#